data_9KOJ
#
_entry.id   9KOJ
#
_cell.length_a   46.460
_cell.length_b   78.005
_cell.length_c   150.398
_cell.angle_alpha   90.00
_cell.angle_beta   90.00
_cell.angle_gamma   90.00
#
_symmetry.space_group_name_H-M   'P 21 21 21'
#
loop_
_entity.id
_entity.type
_entity.pdbx_description
1 polymer Art22
2 non-polymer 'MANGANESE (II) ION'
3 non-polymer 'SULFATE ION'
4 water water
#
_entity_poly.entity_id   1
_entity_poly.type   'polypeptide(L)'
_entity_poly.pdbx_seq_one_letter_code
;MGSSHHHHHHSSGLVPRGSHMKFSLMTYSMVSLMRSGEMNLEDVIAFAANEGFDAIELLMVNFSRSSDEIRRMLETHQMK
ISCIDAFVDLAAQQEENFLENISLSQRIIDQAVELSAPMVMLVPGFPDLIASEKDKQQALPRIISALQKITPYAQSKGIV
LTIENYSALQMPFCSIAEVLTILEQVPGLRLTLDYGNMLVAGEDPLEAYEKLRKYIVNAHLKDWKVTSGQTGTRCADGRH
LEPSLHGQGVINFKSLFAEMVSNNYKGYLSFEYEGDINAKEAVRLGMMHLREQLNEVIG
;
_entity_poly.pdbx_strand_id   A,B
#
loop_
_chem_comp.id
_chem_comp.type
_chem_comp.name
_chem_comp.formula
MN non-polymer 'MANGANESE (II) ION' 'Mn 2'
SO4 non-polymer 'SULFATE ION' 'O4 S -2'
#
# COMPACT_ATOMS: atom_id res chain seq x y z
N MET A 21 25.90 19.40 4.54
CA MET A 21 24.44 19.50 4.43
C MET A 21 23.98 19.69 2.98
N LYS A 22 23.85 18.58 2.26
CA LYS A 22 23.42 18.56 0.88
C LYS A 22 21.96 18.14 0.81
N PHE A 23 21.25 18.59 -0.24
CA PHE A 23 19.86 18.26 -0.45
C PHE A 23 19.70 17.30 -1.63
N SER A 24 18.81 16.33 -1.48
CA SER A 24 18.44 15.44 -2.57
C SER A 24 16.95 15.52 -2.81
N LEU A 25 16.51 15.33 -4.05
CA LEU A 25 15.09 15.33 -4.38
C LEU A 25 14.65 13.89 -4.55
N MET A 26 13.67 13.44 -3.76
CA MET A 26 13.11 12.12 -3.99
C MET A 26 12.31 12.14 -5.28
N THR A 27 12.58 11.20 -6.18
CA THR A 27 11.71 11.10 -7.36
C THR A 27 10.27 10.80 -6.97
N TYR A 28 10.07 10.13 -5.83
CA TYR A 28 8.72 9.88 -5.33
C TYR A 28 7.95 11.20 -5.14
N SER A 29 8.65 12.28 -4.79
CA SER A 29 7.98 13.56 -4.64
C SER A 29 7.34 14.03 -5.93
N MET A 30 7.82 13.54 -7.07
CA MET A 30 7.31 13.92 -8.38
C MET A 30 6.38 12.87 -8.95
N VAL A 31 5.94 11.91 -8.12
CA VAL A 31 5.25 10.74 -8.66
C VAL A 31 3.96 11.13 -9.37
N SER A 32 3.24 12.14 -8.87
CA SER A 32 2.01 12.57 -9.55
C SER A 32 2.29 12.92 -11.01
N LEU A 33 3.35 13.71 -11.25
CA LEU A 33 3.62 14.13 -12.61
C LEU A 33 4.27 13.03 -13.42
N MET A 34 4.92 12.05 -12.78
CA MET A 34 5.39 10.92 -13.57
C MET A 34 4.21 10.03 -13.93
N ARG A 35 3.23 9.91 -13.02
CA ARG A 35 2.09 9.04 -13.32
C ARG A 35 1.25 9.63 -14.43
N SER A 36 1.18 10.96 -14.50
CA SER A 36 0.39 11.60 -15.55
C SER A 36 1.13 11.71 -16.87
N GLY A 37 2.39 11.29 -16.93
CA GLY A 37 3.16 11.41 -18.15
C GLY A 37 3.73 12.77 -18.42
N GLU A 38 3.50 13.75 -17.54
CA GLU A 38 4.04 15.09 -17.77
C GLU A 38 5.54 15.13 -17.59
N MET A 39 6.08 14.35 -16.66
CA MET A 39 7.52 14.29 -16.43
C MET A 39 8.00 12.87 -16.59
N ASN A 40 9.10 12.70 -17.33
CA ASN A 40 9.84 11.45 -17.30
C ASN A 40 10.99 11.58 -16.29
N LEU A 41 11.76 10.50 -16.15
CA LEU A 41 12.86 10.54 -15.19
C LEU A 41 13.87 11.63 -15.54
N GLU A 42 14.20 11.79 -16.82
CA GLU A 42 15.17 12.83 -17.15
C GLU A 42 14.63 14.20 -16.79
N ASP A 43 13.32 14.41 -16.95
CA ASP A 43 12.74 15.68 -16.53
C ASP A 43 12.90 15.91 -15.05
N VAL A 44 12.74 14.85 -14.25
CA VAL A 44 12.92 14.98 -12.81
C VAL A 44 14.38 15.29 -12.48
N ILE A 45 15.32 14.62 -13.15
CA ILE A 45 16.73 14.90 -12.94
C ILE A 45 17.06 16.34 -13.32
N ALA A 46 16.56 16.80 -14.47
CA ALA A 46 16.84 18.16 -14.91
C ALA A 46 16.19 19.19 -13.99
N PHE A 47 14.98 18.90 -13.52
CA PHE A 47 14.30 19.77 -12.56
C PHE A 47 15.10 19.85 -11.26
N ALA A 48 15.56 18.72 -10.75
CA ALA A 48 16.39 18.73 -9.55
C ALA A 48 17.62 19.60 -9.74
N ALA A 49 18.27 19.47 -10.89
CA ALA A 49 19.44 20.30 -11.14
C ALA A 49 19.08 21.77 -11.19
N ASN A 50 17.98 22.11 -11.86
CA ASN A 50 17.60 23.51 -11.97
C ASN A 50 17.26 24.12 -10.62
N GLU A 51 16.74 23.31 -9.71
CA GLU A 51 16.37 23.78 -8.38
C GLU A 51 17.53 23.66 -7.40
N GLY A 52 18.74 23.36 -7.88
CA GLY A 52 19.92 23.42 -7.03
C GLY A 52 20.13 22.22 -6.13
N PHE A 53 19.45 21.11 -6.38
CA PHE A 53 19.69 19.92 -5.59
C PHE A 53 21.04 19.31 -5.93
N ASP A 54 21.64 18.66 -4.95
CA ASP A 54 22.89 17.94 -5.18
C ASP A 54 22.68 16.55 -5.76
N ALA A 55 21.50 15.97 -5.57
CA ALA A 55 21.27 14.59 -5.95
C ALA A 55 19.78 14.37 -6.08
N ILE A 56 19.45 13.20 -6.62
CA ILE A 56 18.10 12.65 -6.55
C ILE A 56 18.16 11.38 -5.72
N GLU A 57 17.03 11.05 -5.07
CA GLU A 57 16.87 9.77 -4.40
C GLU A 57 15.87 9.00 -5.25
N LEU A 58 16.34 7.94 -5.88
CA LEU A 58 15.58 7.31 -6.96
C LEU A 58 14.71 6.19 -6.42
N LEU A 59 13.40 6.33 -6.57
CA LEU A 59 12.50 5.20 -6.28
C LEU A 59 12.56 4.19 -7.41
N MET A 60 12.95 2.96 -7.09
CA MET A 60 13.11 1.92 -8.08
C MET A 60 12.06 0.84 -7.80
N VAL A 61 11.07 0.74 -8.67
CA VAL A 61 10.02 -0.26 -8.57
C VAL A 61 10.13 -1.33 -9.64
N ASN A 62 11.11 -1.19 -10.54
CA ASN A 62 11.37 -2.18 -11.57
C ASN A 62 12.75 -1.87 -12.11
N PHE A 63 13.27 -2.79 -12.93
CA PHE A 63 14.57 -2.57 -13.59
C PHE A 63 14.39 -2.24 -15.06
N SER A 64 13.27 -1.62 -15.41
CA SER A 64 12.96 -1.44 -16.83
C SER A 64 13.78 -0.33 -17.47
N ARG A 65 14.19 0.69 -16.71
CA ARG A 65 15.06 1.73 -17.25
C ARG A 65 16.46 1.16 -17.43
N SER A 66 17.12 1.51 -18.53
CA SER A 66 18.48 1.03 -18.72
C SER A 66 19.46 1.84 -17.89
N SER A 67 20.36 1.14 -17.21
CA SER A 67 21.39 1.80 -16.42
C SER A 67 22.19 2.76 -17.27
N ASP A 68 22.50 2.39 -18.51
CA ASP A 68 23.31 3.28 -19.35
C ASP A 68 22.61 4.60 -19.60
N GLU A 69 21.30 4.58 -19.82
CA GLU A 69 20.65 5.86 -20.09
C GLU A 69 20.46 6.67 -18.82
N ILE A 70 20.23 6.04 -17.66
CA ILE A 70 20.20 6.80 -16.42
C ILE A 70 21.54 7.48 -16.19
N ARG A 71 22.64 6.74 -16.39
CA ARG A 71 23.96 7.34 -16.24
C ARG A 71 24.16 8.50 -17.21
N ARG A 72 23.70 8.34 -18.46
CA ARG A 72 23.75 9.42 -19.44
C ARG A 72 23.02 10.66 -18.95
N MET A 73 21.78 10.49 -18.48
CA MET A 73 21.00 11.61 -17.94
C MET A 73 21.74 12.30 -16.79
N LEU A 74 22.27 11.51 -15.88
CA LEU A 74 22.99 12.10 -14.74
C LEU A 74 24.18 12.92 -15.22
N GLU A 75 24.91 12.43 -16.22
CA GLU A 75 26.05 13.21 -16.71
C GLU A 75 25.58 14.47 -17.45
N THR A 76 24.53 14.36 -18.26
CA THR A 76 24.02 15.52 -18.98
C THR A 76 23.66 16.64 -18.02
N HIS A 77 23.00 16.29 -16.92
CA HIS A 77 22.51 17.30 -15.99
C HIS A 77 23.40 17.52 -14.78
N GLN A 78 24.58 16.91 -14.76
CA GLN A 78 25.54 17.04 -13.67
C GLN A 78 24.88 16.72 -12.34
N MET A 79 24.28 15.55 -12.28
CA MET A 79 23.52 15.14 -11.12
C MET A 79 24.00 13.76 -10.66
N LYS A 80 23.67 13.41 -9.41
CA LYS A 80 24.05 12.14 -8.79
C LYS A 80 22.80 11.51 -8.20
N ILE A 81 22.87 10.20 -7.92
CA ILE A 81 21.85 9.52 -7.12
C ILE A 81 22.42 9.30 -5.72
N SER A 82 21.76 9.86 -4.71
CA SER A 82 22.22 9.71 -3.33
C SER A 82 21.84 8.37 -2.74
N CYS A 83 20.73 7.81 -3.18
CA CYS A 83 20.17 6.62 -2.54
C CYS A 83 19.11 6.08 -3.49
N ILE A 84 18.99 4.75 -3.54
CA ILE A 84 17.92 4.09 -4.28
C ILE A 84 16.93 3.57 -3.25
N ASP A 85 15.65 3.85 -3.45
CA ASP A 85 14.59 3.39 -2.55
C ASP A 85 13.83 2.24 -3.19
N ALA A 86 13.43 1.26 -2.37
CA ALA A 86 12.64 0.17 -2.90
C ALA A 86 11.78 -0.43 -1.80
N PHE A 87 10.65 -0.99 -2.21
CA PHE A 87 9.74 -1.72 -1.33
C PHE A 87 9.94 -3.21 -1.59
N VAL A 88 10.22 -3.98 -0.54
CA VAL A 88 10.41 -5.42 -0.67
C VAL A 88 9.79 -6.13 0.53
N ASP A 89 9.08 -7.23 0.28
CA ASP A 89 8.38 -7.90 1.37
C ASP A 89 9.32 -8.87 2.08
N LEU A 90 10.05 -8.33 3.06
CA LEU A 90 10.96 -9.16 3.86
C LEU A 90 10.24 -9.86 4.99
N ALA A 91 8.94 -9.66 5.13
CA ALA A 91 8.11 -10.38 6.08
C ALA A 91 7.40 -11.58 5.47
N ALA A 92 7.64 -11.88 4.20
CA ALA A 92 6.89 -12.95 3.54
C ALA A 92 7.03 -14.25 4.31
N GLN A 93 5.88 -14.84 4.66
CA GLN A 93 5.85 -16.07 5.43
C GLN A 93 6.19 -17.28 4.57
N GLN A 94 5.82 -17.27 3.30
CA GLN A 94 6.09 -18.40 2.42
C GLN A 94 7.55 -18.37 1.99
N GLU A 95 8.28 -19.47 2.26
CA GLU A 95 9.73 -19.46 2.14
C GLU A 95 10.20 -19.11 0.73
N GLU A 96 9.57 -19.68 -0.29
CA GLU A 96 9.96 -19.41 -1.67
C GLU A 96 9.91 -17.91 -1.97
N ASN A 97 8.82 -17.27 -1.57
CA ASN A 97 8.68 -15.84 -1.80
C ASN A 97 9.71 -15.05 -1.00
N PHE A 98 9.92 -15.42 0.25
CA PHE A 98 10.88 -14.74 1.12
C PHE A 98 12.28 -14.79 0.53
N LEU A 99 12.69 -15.96 0.05
CA LEU A 99 14.02 -16.07 -0.54
C LEU A 99 14.13 -15.24 -1.80
N GLU A 100 13.06 -15.22 -2.62
CA GLU A 100 13.12 -14.39 -3.81
C GLU A 100 13.14 -12.90 -3.48
N ASN A 101 12.58 -12.49 -2.34
CA ASN A 101 12.63 -11.08 -1.95
C ASN A 101 14.01 -10.70 -1.43
N ILE A 102 14.70 -11.63 -0.78
CA ILE A 102 16.11 -11.41 -0.48
C ILE A 102 16.91 -11.27 -1.77
N SER A 103 16.65 -12.13 -2.74
CA SER A 103 17.35 -12.03 -4.03
C SER A 103 17.06 -10.70 -4.71
N LEU A 104 15.79 -10.28 -4.71
CA LEU A 104 15.42 -8.98 -5.26
C LEU A 104 16.19 -7.85 -4.59
N SER A 105 16.32 -7.91 -3.26
CA SER A 105 17.07 -6.88 -2.54
C SER A 105 18.53 -6.84 -2.98
N GLN A 106 19.12 -8.03 -3.19
CA GLN A 106 20.49 -8.06 -3.69
C GLN A 106 20.58 -7.49 -5.11
N ARG A 107 19.57 -7.73 -5.95
CA ARG A 107 19.56 -7.14 -7.28
C ARG A 107 19.46 -5.62 -7.21
N ILE A 108 18.71 -5.11 -6.23
CA ILE A 108 18.63 -3.67 -6.05
C ILE A 108 19.99 -3.10 -5.68
N ILE A 109 20.70 -3.78 -4.77
CA ILE A 109 22.07 -3.38 -4.42
C ILE A 109 22.97 -3.38 -5.67
N ASP A 110 22.82 -4.37 -6.54
CA ASP A 110 23.59 -4.39 -7.79
C ASP A 110 23.26 -3.18 -8.66
N GLN A 111 21.99 -2.76 -8.67
CA GLN A 111 21.62 -1.58 -9.43
C GLN A 111 22.28 -0.35 -8.85
N ALA A 112 22.39 -0.28 -7.51
CA ALA A 112 23.08 0.85 -6.90
C ALA A 112 24.52 0.91 -7.37
N VAL A 113 25.17 -0.24 -7.48
CA VAL A 113 26.53 -0.28 -8.04
C VAL A 113 26.54 0.26 -9.46
N GLU A 114 25.62 -0.24 -10.30
CA GLU A 114 25.61 0.15 -11.71
C GLU A 114 25.33 1.63 -11.90
N LEU A 115 24.55 2.23 -11.01
CA LEU A 115 24.17 3.64 -11.09
C LEU A 115 25.04 4.56 -10.25
N SER A 116 26.07 4.03 -9.58
CA SER A 116 26.92 4.80 -8.70
C SER A 116 26.16 5.48 -7.58
N ALA A 117 25.08 4.83 -7.13
CA ALA A 117 24.40 5.26 -5.92
C ALA A 117 25.09 4.62 -4.71
N PRO A 118 25.44 5.38 -3.68
CA PRO A 118 26.20 4.79 -2.56
C PRO A 118 25.34 4.09 -1.53
N MET A 119 24.01 4.17 -1.64
CA MET A 119 23.14 3.79 -0.55
C MET A 119 21.84 3.25 -1.12
N VAL A 120 21.25 2.29 -0.39
CA VAL A 120 19.93 1.76 -0.67
C VAL A 120 19.07 1.93 0.57
N MET A 121 17.79 2.24 0.38
CA MET A 121 16.81 2.29 1.46
C MET A 121 15.70 1.33 1.11
N LEU A 122 15.47 0.35 1.98
CA LEU A 122 14.39 -0.61 1.81
C LEU A 122 13.27 -0.31 2.78
N VAL A 123 12.04 -0.32 2.27
CA VAL A 123 10.86 -0.46 3.10
C VAL A 123 10.53 -1.95 3.14
N PRO A 124 10.73 -2.63 4.26
CA PRO A 124 10.82 -4.10 4.24
C PRO A 124 9.50 -4.83 4.46
N GLY A 125 8.39 -4.15 4.20
CA GLY A 125 7.10 -4.83 4.23
C GLY A 125 6.02 -3.94 3.66
N PHE A 126 4.82 -4.49 3.58
CA PHE A 126 3.66 -3.81 3.02
C PHE A 126 2.55 -3.79 4.05
N PRO A 127 1.95 -2.63 4.33
CA PRO A 127 0.98 -2.57 5.44
C PRO A 127 -0.29 -3.37 5.24
N ASP A 128 -0.73 -3.57 3.99
CA ASP A 128 -1.96 -4.37 3.83
C ASP A 128 -1.70 -5.84 4.08
N LEU A 129 -0.43 -6.25 4.19
CA LEU A 129 -0.10 -7.65 4.39
C LEU A 129 0.09 -7.99 5.85
N ILE A 130 -0.17 -7.04 6.75
CA ILE A 130 -0.08 -7.29 8.19
C ILE A 130 -1.46 -6.98 8.72
N ALA A 131 -2.21 -8.05 9.05
CA ALA A 131 -3.64 -7.94 9.24
C ALA A 131 -4.05 -8.29 10.66
N SER A 132 -3.08 -8.42 11.56
CA SER A 132 -3.35 -8.76 12.95
C SER A 132 -2.09 -8.49 13.78
N GLU A 133 -2.27 -8.45 15.10
CA GLU A 133 -1.12 -8.30 15.98
C GLU A 133 -0.19 -9.50 15.87
N LYS A 134 -0.76 -10.71 15.68
CA LYS A 134 0.10 -11.88 15.50
C LYS A 134 0.94 -11.75 14.23
N ASP A 135 0.34 -11.20 13.16
CA ASP A 135 1.11 -11.01 11.93
C ASP A 135 2.28 -10.07 12.17
N LYS A 136 2.07 -9.02 12.96
CA LYS A 136 3.14 -8.08 13.23
C LYS A 136 4.27 -8.75 14.01
N GLN A 137 3.89 -9.53 15.04
CA GLN A 137 4.88 -10.23 15.83
C GLN A 137 5.68 -11.23 14.98
N GLN A 138 5.00 -11.94 14.07
CA GLN A 138 5.73 -12.91 13.24
C GLN A 138 6.58 -12.22 12.20
N ALA A 139 6.17 -11.03 11.75
CA ALA A 139 6.90 -10.34 10.69
C ALA A 139 8.25 -9.85 11.18
N LEU A 140 8.34 -9.43 12.44
CA LEU A 140 9.60 -8.84 12.91
C LEU A 140 10.81 -9.75 12.80
N PRO A 141 10.83 -10.96 13.39
CA PRO A 141 12.02 -11.80 13.24
C PRO A 141 12.30 -12.20 11.80
N ARG A 142 11.27 -12.27 10.96
CA ARG A 142 11.45 -12.57 9.55
C ARG A 142 12.22 -11.46 8.86
N ILE A 143 11.79 -10.22 9.07
CA ILE A 143 12.47 -9.06 8.50
C ILE A 143 13.92 -9.00 8.99
N ILE A 144 14.14 -9.22 10.28
CA ILE A 144 15.50 -9.19 10.80
C ILE A 144 16.37 -10.25 10.14
N SER A 145 15.86 -11.49 10.03
CA SER A 145 16.65 -12.55 9.40
C SER A 145 17.01 -12.17 7.96
N ALA A 146 16.05 -11.60 7.22
CA ALA A 146 16.34 -11.17 5.86
C ALA A 146 17.44 -10.11 5.84
N LEU A 147 17.31 -9.09 6.69
CA LEU A 147 18.29 -8.01 6.70
C LEU A 147 19.66 -8.53 7.11
N GLN A 148 19.71 -9.55 7.96
CA GLN A 148 20.97 -10.18 8.32
C GLN A 148 21.62 -10.89 7.14
N LYS A 149 20.82 -11.31 6.14
CA LYS A 149 21.40 -11.85 4.92
C LYS A 149 21.74 -10.78 3.89
N ILE A 150 20.92 -9.73 3.80
CA ILE A 150 21.12 -8.71 2.75
C ILE A 150 22.26 -7.78 3.11
N THR A 151 22.42 -7.44 4.40
CA THR A 151 23.42 -6.44 4.75
C THR A 151 24.84 -6.87 4.41
N PRO A 152 25.27 -8.10 4.64
CA PRO A 152 26.63 -8.47 4.21
C PRO A 152 26.79 -8.40 2.71
N TYR A 153 25.74 -8.65 1.94
CA TYR A 153 25.85 -8.49 0.49
C TYR A 153 26.08 -7.02 0.12
N ALA A 154 25.29 -6.12 0.70
CA ALA A 154 25.54 -4.69 0.52
C ALA A 154 26.98 -4.35 0.88
N GLN A 155 27.46 -4.83 2.03
CA GLN A 155 28.82 -4.51 2.46
C GLN A 155 29.84 -4.99 1.43
N SER A 156 29.61 -6.18 0.87
CA SER A 156 30.53 -6.73 -0.12
C SER A 156 30.55 -5.91 -1.40
N LYS A 157 29.49 -5.14 -1.67
CA LYS A 157 29.44 -4.27 -2.85
C LYS A 157 29.74 -2.81 -2.51
N GLY A 158 30.16 -2.52 -1.28
CA GLY A 158 30.45 -1.16 -0.88
C GLY A 158 29.25 -0.25 -0.75
N ILE A 159 28.05 -0.80 -0.63
CA ILE A 159 26.81 -0.04 -0.55
C ILE A 159 26.37 0.00 0.90
N VAL A 160 25.90 1.16 1.33
CA VAL A 160 25.32 1.32 2.66
C VAL A 160 23.84 0.96 2.56
N LEU A 161 23.41 -0.03 3.34
CA LEU A 161 22.02 -0.46 3.33
C LEU A 161 21.30 0.21 4.50
N THR A 162 20.13 0.78 4.22
CA THR A 162 19.29 1.35 5.26
C THR A 162 17.88 0.80 5.16
N ILE A 163 17.18 0.89 6.28
CA ILE A 163 15.72 0.86 6.28
C ILE A 163 15.21 2.25 6.61
N GLU A 164 13.91 2.44 6.42
CA GLU A 164 13.25 3.69 6.80
C GLU A 164 12.23 3.39 7.90
N ASN A 165 12.12 4.28 8.88
CA ASN A 165 11.01 4.19 9.83
C ASN A 165 9.73 4.57 9.14
N TYR A 166 8.68 3.80 9.39
CA TYR A 166 7.47 3.86 8.60
C TYR A 166 6.34 4.52 9.39
N SER A 167 5.17 4.64 8.74
CA SER A 167 4.06 5.37 9.32
C SER A 167 2.84 4.53 9.65
N ALA A 168 2.77 3.31 9.13
CA ALA A 168 1.64 2.43 9.41
C ALA A 168 2.06 1.55 10.58
N LEU A 169 1.41 1.71 11.73
CA LEU A 169 1.92 1.20 12.99
C LEU A 169 1.83 -0.32 13.13
N GLN A 170 1.05 -1.00 12.28
CA GLN A 170 1.12 -2.46 12.28
C GLN A 170 2.47 -2.96 11.79
N MET A 171 3.29 -2.11 11.16
CA MET A 171 4.61 -2.54 10.71
C MET A 171 5.59 -2.37 11.86
N PRO A 172 6.39 -3.40 12.19
CA PRO A 172 7.26 -3.35 13.38
C PRO A 172 8.55 -2.58 13.12
N PHE A 173 8.43 -1.39 12.56
CA PHE A 173 9.58 -0.55 12.27
C PHE A 173 9.12 0.91 12.18
N CYS A 174 8.32 1.35 13.13
CA CYS A 174 7.83 2.73 13.15
C CYS A 174 8.31 3.51 14.36
N SER A 175 8.20 2.94 15.57
CA SER A 175 8.62 3.70 16.74
C SER A 175 10.15 3.74 16.84
N ILE A 176 10.65 4.65 17.68
CA ILE A 176 12.08 4.68 17.96
C ILE A 176 12.53 3.32 18.44
N ALA A 177 11.79 2.75 19.38
CA ALA A 177 12.17 1.45 19.95
C ALA A 177 12.19 0.35 18.90
N GLU A 178 11.23 0.33 17.98
CA GLU A 178 11.20 -0.74 16.98
C GLU A 178 12.39 -0.66 16.05
N VAL A 179 12.67 0.54 15.56
CA VAL A 179 13.79 0.73 14.66
C VAL A 179 15.11 0.43 15.37
N LEU A 180 15.24 0.85 16.63
CA LEU A 180 16.45 0.57 17.38
C LEU A 180 16.64 -0.94 17.58
N THR A 181 15.53 -1.65 17.85
CA THR A 181 15.60 -3.10 18.03
C THR A 181 16.12 -3.79 16.79
N ILE A 182 15.68 -3.34 15.60
CA ILE A 182 16.20 -3.93 14.37
C ILE A 182 17.67 -3.58 14.16
N LEU A 183 17.99 -2.29 14.27
CA LEU A 183 19.37 -1.84 14.00
C LEU A 183 20.37 -2.53 14.91
N GLU A 184 20.00 -2.77 16.17
CA GLU A 184 20.89 -3.39 17.14
C GLU A 184 21.06 -4.88 16.90
N GLN A 185 20.30 -5.48 15.99
CA GLN A 185 20.42 -6.89 15.67
C GLN A 185 21.05 -7.15 14.31
N VAL A 186 21.24 -6.13 13.49
CA VAL A 186 21.76 -6.31 12.15
C VAL A 186 23.06 -5.51 12.02
N PRO A 187 24.21 -6.16 12.15
CA PRO A 187 25.49 -5.44 12.03
C PRO A 187 25.60 -4.68 10.71
N GLY A 188 25.98 -3.41 10.82
CA GLY A 188 26.21 -2.58 9.66
C GLY A 188 24.97 -1.95 9.05
N LEU A 189 23.77 -2.37 9.46
CA LEU A 189 22.57 -1.75 8.96
C LEU A 189 22.50 -0.30 9.44
N ARG A 190 22.01 0.57 8.57
CA ARG A 190 21.90 1.99 8.92
C ARG A 190 20.45 2.43 8.71
N LEU A 191 20.18 3.70 9.00
CA LEU A 191 18.81 4.23 9.04
C LEU A 191 18.68 5.44 8.13
N THR A 192 17.63 5.45 7.31
CA THR A 192 17.09 6.67 6.73
C THR A 192 16.00 7.12 7.68
N LEU A 193 16.21 8.26 8.37
CA LEU A 193 15.23 8.77 9.31
C LEU A 193 14.20 9.58 8.54
N ASP A 194 12.97 9.10 8.48
CA ASP A 194 11.88 9.91 7.95
C ASP A 194 11.31 10.70 9.12
N TYR A 195 11.67 11.98 9.17
CA TYR A 195 11.37 12.83 10.32
C TYR A 195 9.86 12.94 10.55
N GLY A 196 9.09 13.13 9.48
CA GLY A 196 7.64 13.23 9.62
C GLY A 196 6.95 11.95 10.04
N ASN A 197 7.47 10.81 9.56
CA ASN A 197 6.88 9.54 9.96
C ASN A 197 6.94 9.36 11.46
N MET A 198 8.01 9.86 12.11
CA MET A 198 8.09 9.76 13.57
C MET A 198 6.91 10.44 14.22
N LEU A 199 6.49 11.59 13.67
CA LEU A 199 5.33 12.27 14.24
C LEU A 199 4.09 11.41 14.15
N VAL A 200 3.91 10.72 13.00
CA VAL A 200 2.76 9.81 12.90
C VAL A 200 2.81 8.75 14.00
N ALA A 201 3.99 8.22 14.28
CA ALA A 201 4.19 7.16 15.27
C ALA A 201 4.09 7.64 16.70
N GLY A 202 3.79 8.91 16.92
CA GLY A 202 3.67 9.44 18.27
C GLY A 202 4.97 9.79 18.94
N GLU A 203 6.06 9.90 18.18
CA GLU A 203 7.36 10.22 18.74
C GLU A 203 7.65 11.70 18.49
N ASP A 204 8.57 12.25 19.27
CA ASP A 204 9.09 13.57 18.95
C ASP A 204 10.18 13.42 17.90
N PRO A 205 10.04 14.04 16.72
CA PRO A 205 11.06 13.89 15.68
C PRO A 205 12.50 14.19 16.12
N LEU A 206 12.70 15.26 16.88
CA LEU A 206 14.05 15.59 17.32
C LEU A 206 14.58 14.52 18.28
N GLU A 207 13.73 14.02 19.18
CA GLU A 207 14.18 12.95 20.07
C GLU A 207 14.55 11.69 19.29
N ALA A 208 13.81 11.39 18.21
CA ALA A 208 14.18 10.26 17.35
C ALA A 208 15.57 10.46 16.76
N TYR A 209 15.84 11.66 16.25
CA TYR A 209 17.18 11.93 15.74
C TYR A 209 18.22 11.75 16.85
N GLU A 210 17.96 12.28 18.04
CA GLU A 210 18.98 12.23 19.08
C GLU A 210 19.25 10.80 19.51
N LYS A 211 18.21 9.97 19.62
CA LYS A 211 18.37 8.61 20.10
C LYS A 211 18.94 7.68 19.06
N LEU A 212 18.76 8.00 17.77
CA LEU A 212 19.17 7.12 16.69
C LEU A 212 20.34 7.69 15.90
N ARG A 213 20.99 8.72 16.44
CA ARG A 213 21.97 9.52 15.70
C ARG A 213 23.07 8.67 15.09
N LYS A 214 23.60 7.71 15.84
CA LYS A 214 24.75 6.96 15.32
C LYS A 214 24.39 6.12 14.10
N TYR A 215 23.10 5.85 13.86
CA TYR A 215 22.68 5.02 12.74
C TYR A 215 22.21 5.83 11.53
N ILE A 216 21.97 7.13 11.72
CA ILE A 216 21.26 7.91 10.70
C ILE A 216 22.24 8.40 9.66
N VAL A 217 22.07 7.92 8.43
CA VAL A 217 22.97 8.24 7.32
C VAL A 217 22.24 8.93 6.19
N ASN A 218 20.93 9.12 6.29
CA ASN A 218 20.09 9.71 5.27
C ASN A 218 18.84 10.16 6.02
N ALA A 219 18.19 11.19 5.49
CA ALA A 219 16.99 11.69 6.16
C ALA A 219 15.99 12.12 5.11
N HIS A 220 14.71 11.87 5.39
CA HIS A 220 13.61 12.36 4.58
C HIS A 220 12.92 13.48 5.33
N LEU A 221 12.71 14.59 4.64
CA LEU A 221 12.06 15.76 5.21
C LEU A 221 10.68 15.91 4.59
N LYS A 222 9.65 15.77 5.42
CA LYS A 222 8.29 16.08 4.99
C LYS A 222 7.54 16.65 6.16
N ASP A 223 6.47 17.38 5.85
CA ASP A 223 5.73 18.13 6.84
C ASP A 223 4.26 17.68 6.84
N TRP A 224 3.61 17.95 7.97
CA TRP A 224 2.21 17.58 8.16
C TRP A 224 1.49 18.76 8.80
N LYS A 225 0.23 18.94 8.42
CA LYS A 225 -0.69 19.87 9.05
C LYS A 225 -1.87 19.10 9.64
N VAL A 226 -2.53 19.70 10.64
CA VAL A 226 -3.58 19.02 11.40
C VAL A 226 -4.93 19.28 10.76
N THR A 227 -5.76 18.24 10.68
CA THR A 227 -7.07 18.33 10.02
C THR A 227 -8.15 17.68 10.87
N SER A 228 -9.40 17.91 10.51
CA SER A 228 -10.54 17.44 11.36
C SER A 228 -11.10 16.07 10.98
N GLY A 229 -11.04 15.68 9.71
CA GLY A 229 -11.64 14.40 9.29
C GLY A 229 -10.62 13.35 8.89
N GLN A 230 -11.09 12.16 8.50
CA GLN A 230 -10.26 10.98 8.18
C GLN A 230 -9.36 11.23 6.96
N THR A 231 -8.08 10.83 7.07
CA THR A 231 -7.11 11.05 6.02
C THR A 231 -6.33 9.81 5.61
N GLY A 232 -6.50 8.68 6.28
CA GLY A 232 -5.57 7.59 6.09
C GLY A 232 -4.22 7.79 6.76
N THR A 233 -4.04 8.89 7.50
CA THR A 233 -2.89 9.06 8.39
C THR A 233 -3.41 9.74 9.66
N ARG A 234 -3.57 8.95 10.72
CA ARG A 234 -3.92 9.49 12.03
C ARG A 234 -2.70 9.30 12.93
N CYS A 235 -2.23 10.40 13.50
CA CYS A 235 -1.14 10.35 14.47
C CYS A 235 -1.58 9.50 15.65
N ALA A 236 -0.60 8.91 16.34
CA ALA A 236 -0.89 8.03 17.47
C ALA A 236 -1.66 8.76 18.57
N ASP A 237 -1.52 10.08 18.66
CA ASP A 237 -2.17 10.87 19.70
C ASP A 237 -3.56 11.35 19.34
N GLY A 238 -4.09 10.97 18.18
CA GLY A 238 -5.45 11.29 17.80
C GLY A 238 -5.59 12.34 16.72
N ARG A 239 -4.56 13.16 16.49
CA ARG A 239 -4.65 14.20 15.47
C ARG A 239 -4.69 13.57 14.09
N HIS A 240 -5.62 14.04 13.26
CA HIS A 240 -5.65 13.66 11.86
C HIS A 240 -4.62 14.50 11.11
N LEU A 241 -3.84 13.87 10.23
CA LEU A 241 -2.73 14.53 9.56
C LEU A 241 -2.91 14.55 8.05
N GLU A 242 -2.56 15.70 7.45
CA GLU A 242 -2.57 16.02 6.02
C GLU A 242 -1.16 16.37 5.59
N PRO A 243 -0.66 15.89 4.44
CA PRO A 243 0.64 16.39 3.94
C PRO A 243 0.63 17.91 3.84
N SER A 244 1.74 18.51 4.20
CA SER A 244 1.85 19.96 4.18
C SER A 244 3.06 20.37 3.37
N LEU A 245 2.97 21.51 2.69
CA LEU A 245 4.18 22.14 2.20
C LEU A 245 5.12 22.41 3.37
N HIS A 246 6.41 22.25 3.13
CA HIS A 246 7.37 22.33 4.22
C HIS A 246 7.37 23.73 4.81
N GLY A 247 7.21 23.81 6.12
CA GLY A 247 7.12 25.08 6.80
C GLY A 247 5.73 25.54 7.08
N GLN A 248 4.73 24.93 6.45
CA GLN A 248 3.34 25.29 6.71
C GLN A 248 2.68 24.35 7.70
N GLY A 249 3.39 23.31 8.12
CA GLY A 249 2.85 22.37 9.07
C GLY A 249 3.46 22.49 10.44
N VAL A 250 3.57 21.35 11.13
CA VAL A 250 3.96 21.31 12.53
C VAL A 250 5.37 20.82 12.76
N ILE A 251 6.08 20.35 11.74
CA ILE A 251 7.41 19.82 11.95
C ILE A 251 8.41 20.95 12.09
N ASN A 252 9.24 20.89 13.13
CA ASN A 252 10.26 21.90 13.36
C ASN A 252 11.54 21.50 12.65
N PHE A 253 11.76 22.04 11.45
CA PHE A 253 12.96 21.66 10.71
C PHE A 253 14.20 22.36 11.22
N LYS A 254 14.07 23.59 11.74
CA LYS A 254 15.25 24.32 12.20
C LYS A 254 15.92 23.62 13.37
N SER A 255 15.14 23.07 14.31
CA SER A 255 15.74 22.35 15.43
C SER A 255 16.54 21.16 14.95
N LEU A 256 16.01 20.42 13.98
CA LEU A 256 16.74 19.28 13.45
C LEU A 256 18.02 19.74 12.78
N PHE A 257 17.92 20.79 11.96
CA PHE A 257 19.10 21.29 11.26
C PHE A 257 20.18 21.72 12.25
N ALA A 258 19.77 22.38 13.34
CA ALA A 258 20.73 22.81 14.35
C ALA A 258 21.46 21.61 14.94
N GLU A 259 20.72 20.55 15.28
CA GLU A 259 21.39 19.38 15.86
C GLU A 259 22.29 18.68 14.85
N MET A 260 21.82 18.56 13.59
CA MET A 260 22.64 17.89 12.58
C MET A 260 23.93 18.67 12.32
N VAL A 261 23.84 20.00 12.30
CA VAL A 261 25.03 20.82 12.08
C VAL A 261 25.99 20.68 13.26
N SER A 262 25.46 20.74 14.49
CA SER A 262 26.30 20.56 15.67
C SER A 262 27.02 19.22 15.63
N ASN A 263 26.34 18.16 15.18
CA ASN A 263 26.93 16.84 15.10
C ASN A 263 27.67 16.58 13.79
N ASN A 264 27.73 17.57 12.90
CA ASN A 264 28.48 17.46 11.65
C ASN A 264 27.97 16.31 10.78
N TYR A 265 26.65 16.23 10.64
CA TYR A 265 26.01 15.23 9.76
C TYR A 265 26.51 15.37 8.34
N LYS A 266 26.89 14.26 7.71
CA LYS A 266 27.47 14.30 6.39
C LYS A 266 26.59 13.70 5.30
N GLY A 267 25.38 13.25 5.63
CA GLY A 267 24.49 12.69 4.63
C GLY A 267 23.66 13.75 3.94
N TYR A 268 22.66 13.27 3.19
CA TYR A 268 21.79 14.17 2.45
C TYR A 268 20.51 14.40 3.25
N LEU A 269 19.89 15.56 3.01
CA LEU A 269 18.53 15.85 3.44
C LEU A 269 17.65 15.69 2.21
N SER A 270 16.74 14.73 2.22
CA SER A 270 15.96 14.40 1.04
C SER A 270 14.57 15.02 1.12
N PHE A 271 14.17 15.67 0.04
CA PHE A 271 12.89 16.37 0.01
C PHE A 271 11.77 15.39 -0.36
N GLU A 272 10.81 15.23 0.55
CA GLU A 272 9.66 14.36 0.34
C GLU A 272 8.39 15.21 0.42
N TYR A 273 7.51 15.04 -0.57
CA TYR A 273 6.20 15.68 -0.55
C TYR A 273 5.17 14.69 -1.06
N GLU A 274 4.11 14.47 -0.27
CA GLU A 274 3.10 13.47 -0.56
C GLU A 274 1.73 14.09 -0.79
N GLY A 275 1.65 15.41 -0.89
CA GLY A 275 0.39 16.12 -1.00
C GLY A 275 -0.06 16.30 -2.43
N ASP A 276 -1.12 17.12 -2.57
CA ASP A 276 -1.81 17.30 -3.85
C ASP A 276 -1.46 18.61 -4.56
N ILE A 277 -0.65 19.47 -3.94
CA ILE A 277 -0.17 20.63 -4.67
C ILE A 277 0.71 20.16 -5.83
N ASN A 278 0.64 20.89 -6.94
CA ASN A 278 1.50 20.59 -8.09
C ASN A 278 2.93 20.33 -7.63
N ALA A 279 3.52 19.24 -8.12
CA ALA A 279 4.74 18.74 -7.49
C ALA A 279 5.92 19.68 -7.71
N LYS A 280 5.98 20.36 -8.88
CA LYS A 280 7.07 21.33 -9.08
C LYS A 280 6.91 22.53 -8.16
N GLU A 281 5.68 23.04 -8.05
CA GLU A 281 5.42 24.13 -7.12
C GLU A 281 5.75 23.73 -5.69
N ALA A 282 5.38 22.51 -5.29
CA ALA A 282 5.64 22.08 -3.93
C ALA A 282 7.14 22.04 -3.65
N VAL A 283 7.94 21.58 -4.61
CA VAL A 283 9.40 21.61 -4.44
C VAL A 283 9.88 23.04 -4.28
N ARG A 284 9.45 23.94 -5.18
CA ARG A 284 9.95 25.31 -5.12
C ARG A 284 9.59 25.98 -3.79
N LEU A 285 8.32 25.83 -3.37
CA LEU A 285 7.85 26.46 -2.13
C LEU A 285 8.54 25.86 -0.91
N GLY A 286 8.54 24.52 -0.81
CA GLY A 286 9.11 23.88 0.36
C GLY A 286 10.60 24.11 0.47
N MET A 287 11.32 24.12 -0.66
CA MET A 287 12.76 24.32 -0.59
C MET A 287 13.08 25.75 -0.17
N MET A 288 12.25 26.72 -0.57
CA MET A 288 12.46 28.08 -0.06
C MET A 288 12.47 28.09 1.46
N HIS A 289 11.48 27.40 2.05
CA HIS A 289 11.44 27.34 3.51
C HIS A 289 12.66 26.62 4.09
N LEU A 290 12.99 25.43 3.54
CA LEU A 290 14.04 24.62 4.15
C LEU A 290 15.40 25.29 4.04
N ARG A 291 15.71 25.89 2.90
CA ARG A 291 16.95 26.62 2.74
C ARG A 291 17.02 27.82 3.67
N GLU A 292 15.89 28.51 3.88
CA GLU A 292 15.93 29.63 4.83
C GLU A 292 16.27 29.15 6.23
N GLN A 293 15.65 28.04 6.68
CA GLN A 293 15.93 27.53 8.02
C GLN A 293 17.39 27.09 8.16
N LEU A 294 17.89 26.38 7.15
CA LEU A 294 19.29 25.93 7.21
C LEU A 294 20.24 27.12 7.25
N ASN A 295 19.94 28.16 6.47
CA ASN A 295 20.77 29.36 6.46
C ASN A 295 20.77 30.04 7.82
N GLU A 296 19.62 30.05 8.51
CA GLU A 296 19.61 30.59 9.86
C GLU A 296 20.52 29.81 10.80
N VAL A 297 20.64 28.50 10.59
CA VAL A 297 21.54 27.72 11.45
C VAL A 297 23.01 28.05 11.19
N ILE A 298 23.41 28.15 9.92
CA ILE A 298 24.82 28.38 9.59
C ILE A 298 25.24 29.84 9.67
N MET B 21 -29.53 -13.13 -2.30
CA MET B 21 -28.96 -11.88 -1.80
C MET B 21 -28.42 -12.03 -0.39
N LYS B 22 -27.47 -12.95 -0.23
CA LYS B 22 -26.87 -13.21 1.07
C LYS B 22 -25.75 -12.21 1.36
N PHE B 23 -25.54 -11.93 2.64
CA PHE B 23 -24.47 -11.03 3.06
C PHE B 23 -23.29 -11.81 3.63
N SER B 24 -22.10 -11.31 3.33
CA SER B 24 -20.86 -11.82 3.90
C SER B 24 -20.13 -10.67 4.56
N LEU B 25 -19.35 -10.98 5.59
CA LEU B 25 -18.57 -9.97 6.27
C LEU B 25 -17.11 -10.11 5.87
N MET B 26 -16.50 -9.04 5.34
CA MET B 26 -15.08 -9.09 5.07
C MET B 26 -14.30 -9.06 6.38
N THR B 27 -13.38 -10.02 6.56
CA THR B 27 -12.55 -9.93 7.75
C THR B 27 -11.71 -8.65 7.73
N TYR B 28 -11.39 -8.15 6.54
CA TYR B 28 -10.66 -6.90 6.42
C TYR B 28 -11.40 -5.74 7.11
N SER B 29 -12.75 -5.79 7.12
CA SER B 29 -13.51 -4.77 7.83
C SER B 29 -13.20 -4.73 9.32
N MET B 30 -12.68 -5.81 9.89
CA MET B 30 -12.37 -5.87 11.31
C MET B 30 -10.89 -5.72 11.57
N VAL B 31 -10.12 -5.32 10.56
CA VAL B 31 -8.65 -5.34 10.68
C VAL B 31 -8.16 -4.47 11.82
N SER B 32 -8.83 -3.33 12.09
CA SER B 32 -8.40 -2.49 13.20
C SER B 32 -8.38 -3.27 14.50
N LEU B 33 -9.45 -4.03 14.75
CA LEU B 33 -9.53 -4.76 16.00
C LEU B 33 -8.67 -6.01 15.99
N MET B 34 -8.37 -6.56 14.80
CA MET B 34 -7.40 -7.64 14.79
C MET B 34 -6.00 -7.09 15.03
N ARG B 35 -5.72 -5.89 14.51
CA ARG B 35 -4.39 -5.32 14.69
C ARG B 35 -4.14 -4.91 16.14
N SER B 36 -5.19 -4.52 16.86
CA SER B 36 -5.02 -4.15 18.26
C SER B 36 -4.99 -5.35 19.19
N GLY B 37 -5.26 -6.55 18.67
CA GLY B 37 -5.37 -7.73 19.49
C GLY B 37 -6.69 -7.91 20.20
N GLU B 38 -7.66 -7.02 19.97
CA GLU B 38 -8.95 -7.20 20.62
C GLU B 38 -9.74 -8.37 20.05
N MET B 39 -9.61 -8.63 18.76
CA MET B 39 -10.31 -9.74 18.11
C MET B 39 -9.30 -10.62 17.40
N ASN B 40 -9.46 -11.93 17.55
CA ASN B 40 -8.76 -12.89 16.70
C ASN B 40 -9.70 -13.34 15.59
N LEU B 41 -9.21 -14.24 14.74
CA LEU B 41 -10.05 -14.64 13.61
C LEU B 41 -11.33 -15.34 14.07
N GLU B 42 -11.22 -16.20 15.09
CA GLU B 42 -12.42 -16.88 15.57
C GLU B 42 -13.43 -15.86 16.09
N ASP B 43 -12.94 -14.80 16.74
CA ASP B 43 -13.87 -13.77 17.22
C ASP B 43 -14.59 -13.12 16.05
N VAL B 44 -13.88 -12.89 14.93
CA VAL B 44 -14.52 -12.29 13.77
C VAL B 44 -15.56 -13.24 13.20
N ILE B 45 -15.25 -14.53 13.13
CA ILE B 45 -16.21 -15.53 12.65
C ILE B 45 -17.44 -15.57 13.57
N ALA B 46 -17.20 -15.58 14.88
CA ALA B 46 -18.31 -15.62 15.83
C ALA B 46 -19.16 -14.35 15.75
N PHE B 47 -18.50 -13.21 15.55
CA PHE B 47 -19.22 -11.94 15.41
C PHE B 47 -20.07 -11.93 14.14
N ALA B 48 -19.50 -12.41 13.03
CA ALA B 48 -20.29 -12.53 11.81
C ALA B 48 -21.52 -13.40 12.04
N ALA B 49 -21.36 -14.51 12.76
CA ALA B 49 -22.50 -15.37 13.03
C ALA B 49 -23.51 -14.65 13.89
N ASN B 50 -23.04 -13.94 14.92
CA ASN B 50 -23.94 -13.25 15.83
C ASN B 50 -24.70 -12.13 15.14
N GLU B 51 -24.12 -11.52 14.12
CA GLU B 51 -24.77 -10.43 13.39
C GLU B 51 -25.55 -10.92 12.17
N GLY B 52 -25.72 -12.23 12.03
CA GLY B 52 -26.61 -12.76 11.01
C GLY B 52 -26.02 -12.87 9.62
N PHE B 53 -24.69 -12.82 9.49
CA PHE B 53 -24.10 -12.99 8.18
C PHE B 53 -24.17 -14.45 7.77
N ASP B 54 -24.26 -14.66 6.45
CA ASP B 54 -24.24 -16.01 5.90
C ASP B 54 -22.84 -16.55 5.68
N ALA B 55 -21.83 -15.66 5.64
CA ALA B 55 -20.48 -16.08 5.33
C ALA B 55 -19.52 -14.98 5.77
N ILE B 56 -18.23 -15.31 5.78
CA ILE B 56 -17.17 -14.32 5.84
C ILE B 56 -16.41 -14.33 4.52
N GLU B 57 -15.79 -13.21 4.19
CA GLU B 57 -14.86 -13.11 3.08
C GLU B 57 -13.49 -12.93 3.73
N LEU B 58 -12.64 -13.95 3.61
CA LEU B 58 -11.45 -14.10 4.43
C LEU B 58 -10.26 -13.49 3.73
N LEU B 59 -9.70 -12.44 4.31
CA LEU B 59 -8.44 -11.91 3.81
C LEU B 59 -7.32 -12.82 4.26
N MET B 60 -6.54 -13.31 3.32
CA MET B 60 -5.45 -14.22 3.61
C MET B 60 -4.14 -13.57 3.19
N VAL B 61 -3.31 -13.23 4.18
CA VAL B 61 -2.00 -12.62 3.93
C VAL B 61 -0.86 -13.53 4.31
N ASN B 62 -1.14 -14.70 4.90
CA ASN B 62 -0.13 -15.70 5.17
C ASN B 62 -0.87 -17.02 5.36
N PHE B 63 -0.10 -18.09 5.47
CA PHE B 63 -0.65 -19.42 5.73
C PHE B 63 -0.32 -19.89 7.15
N SER B 64 -0.21 -18.95 8.08
CA SER B 64 0.22 -19.31 9.42
C SER B 64 -0.85 -20.11 10.16
N ARG B 65 -2.12 -19.91 9.84
CA ARG B 65 -3.18 -20.71 10.43
C ARG B 65 -3.36 -21.97 9.60
N SER B 66 -3.43 -23.11 10.27
CA SER B 66 -3.63 -24.38 9.57
C SER B 66 -5.06 -24.46 9.06
N SER B 67 -5.25 -25.26 8.01
CA SER B 67 -6.59 -25.47 7.49
C SER B 67 -7.49 -26.12 8.52
N ASP B 68 -6.95 -27.10 9.28
CA ASP B 68 -7.72 -27.75 10.33
C ASP B 68 -8.29 -26.75 11.29
N GLU B 69 -7.48 -25.76 11.69
CA GLU B 69 -7.90 -24.79 12.68
C GLU B 69 -9.04 -23.91 12.16
N ILE B 70 -8.88 -23.38 10.95
CA ILE B 70 -9.94 -22.58 10.37
C ILE B 70 -11.22 -23.40 10.19
N ARG B 71 -11.08 -24.64 9.71
CA ARG B 71 -12.26 -25.47 9.55
C ARG B 71 -12.97 -25.71 10.87
N ARG B 72 -12.21 -25.92 11.95
CA ARG B 72 -12.79 -26.06 13.27
C ARG B 72 -13.60 -24.83 13.65
N MET B 73 -13.03 -23.64 13.47
CA MET B 73 -13.77 -22.41 13.80
C MET B 73 -15.07 -22.32 13.01
N LEU B 74 -14.97 -22.59 11.71
CA LEU B 74 -16.16 -22.51 10.87
C LEU B 74 -17.23 -23.46 11.36
N GLU B 75 -16.84 -24.68 11.75
CA GLU B 75 -17.82 -25.64 12.23
C GLU B 75 -18.41 -25.21 13.57
N THR B 76 -17.57 -24.71 14.48
CA THR B 76 -18.06 -24.25 15.78
C THR B 76 -19.16 -23.22 15.61
N HIS B 77 -18.94 -22.25 14.72
CA HIS B 77 -19.86 -21.13 14.60
C HIS B 77 -20.81 -21.25 13.43
N GLN B 78 -20.80 -22.39 12.73
CA GLN B 78 -21.71 -22.68 11.64
C GLN B 78 -21.63 -21.59 10.58
N MET B 79 -20.39 -21.32 10.17
CA MET B 79 -20.06 -20.26 9.25
C MET B 79 -19.38 -20.82 8.01
N LYS B 80 -19.51 -20.12 6.91
CA LYS B 80 -18.87 -20.48 5.65
C LYS B 80 -17.98 -19.33 5.21
N ILE B 81 -17.05 -19.64 4.31
CA ILE B 81 -16.25 -18.63 3.62
C ILE B 81 -16.77 -18.49 2.21
N SER B 82 -17.24 -17.29 1.86
CA SER B 82 -17.76 -17.03 0.53
C SER B 82 -16.66 -16.80 -0.49
N CYS B 83 -15.51 -16.30 -0.04
CA CYS B 83 -14.44 -15.90 -0.93
C CYS B 83 -13.19 -15.66 -0.10
N ILE B 84 -12.03 -16.00 -0.65
CA ILE B 84 -10.75 -15.69 -0.03
C ILE B 84 -10.11 -14.55 -0.81
N ASP B 85 -9.67 -13.52 -0.11
CA ASP B 85 -9.05 -12.34 -0.74
C ASP B 85 -7.55 -12.40 -0.54
N ALA B 86 -6.79 -11.96 -1.55
CA ALA B 86 -5.36 -11.84 -1.35
C ALA B 86 -4.80 -10.74 -2.24
N PHE B 87 -3.71 -10.11 -1.78
CA PHE B 87 -2.91 -9.17 -2.55
C PHE B 87 -1.71 -9.92 -3.11
N VAL B 88 -1.53 -9.89 -4.44
CA VAL B 88 -0.42 -10.58 -5.09
C VAL B 88 0.09 -9.70 -6.22
N ASP B 89 1.41 -9.57 -6.34
CA ASP B 89 1.98 -8.62 -7.31
C ASP B 89 2.16 -9.30 -8.66
N LEU B 90 1.06 -9.37 -9.41
CA LEU B 90 1.09 -9.94 -10.74
C LEU B 90 1.65 -8.99 -11.78
N ALA B 91 2.06 -7.78 -11.36
CA ALA B 91 2.76 -6.85 -12.25
C ALA B 91 4.26 -6.95 -12.12
N ALA B 92 4.77 -7.87 -11.30
CA ALA B 92 6.20 -7.92 -11.02
C ALA B 92 7.01 -8.07 -12.31
N GLN B 93 7.94 -7.14 -12.52
CA GLN B 93 8.76 -7.15 -13.73
C GLN B 93 9.89 -8.17 -13.62
N GLN B 94 10.34 -8.46 -12.42
CA GLN B 94 11.43 -9.41 -12.20
C GLN B 94 10.87 -10.82 -12.38
N GLU B 95 11.46 -11.60 -13.29
CA GLU B 95 10.85 -12.86 -13.68
C GLU B 95 10.72 -13.83 -12.51
N GLU B 96 11.73 -13.90 -11.65
CA GLU B 96 11.67 -14.89 -10.58
C GLU B 96 10.58 -14.52 -9.58
N ASN B 97 10.42 -13.23 -9.29
CA ASN B 97 9.35 -12.79 -8.41
C ASN B 97 7.97 -13.00 -9.04
N PHE B 98 7.83 -12.65 -10.31
CA PHE B 98 6.57 -12.88 -11.04
C PHE B 98 6.16 -14.35 -10.94
N LEU B 99 7.10 -15.24 -11.20
CA LEU B 99 6.80 -16.67 -11.15
C LEU B 99 6.40 -17.11 -9.74
N GLU B 100 7.09 -16.60 -8.72
CA GLU B 100 6.70 -16.96 -7.35
C GLU B 100 5.34 -16.40 -6.99
N ASN B 101 4.93 -15.30 -7.62
CA ASN B 101 3.62 -14.74 -7.29
C ASN B 101 2.50 -15.51 -7.97
N ILE B 102 2.77 -16.04 -9.17
CA ILE B 102 1.83 -17.00 -9.76
C ILE B 102 1.71 -18.25 -8.87
N SER B 103 2.84 -18.75 -8.38
CA SER B 103 2.80 -19.90 -7.48
C SER B 103 2.01 -19.60 -6.22
N LEU B 104 2.21 -18.42 -5.64
CA LEU B 104 1.47 -18.03 -4.43
C LEU B 104 -0.03 -17.97 -4.72
N SER B 105 -0.40 -17.43 -5.89
CA SER B 105 -1.80 -17.43 -6.28
C SER B 105 -2.37 -18.85 -6.33
N GLN B 106 -1.59 -19.80 -6.86
CA GLN B 106 -2.06 -21.18 -6.88
C GLN B 106 -2.21 -21.73 -5.46
N ARG B 107 -1.31 -21.36 -4.56
CA ARG B 107 -1.44 -21.78 -3.15
C ARG B 107 -2.72 -21.22 -2.54
N ILE B 108 -3.09 -19.99 -2.90
CA ILE B 108 -4.33 -19.41 -2.39
C ILE B 108 -5.54 -20.18 -2.91
N ILE B 109 -5.53 -20.53 -4.20
CA ILE B 109 -6.58 -21.36 -4.75
C ILE B 109 -6.69 -22.69 -4.00
N ASP B 110 -5.53 -23.30 -3.70
CA ASP B 110 -5.53 -24.53 -2.91
C ASP B 110 -6.17 -24.31 -1.54
N GLN B 111 -5.92 -23.16 -0.92
CA GLN B 111 -6.54 -22.89 0.37
C GLN B 111 -8.06 -22.77 0.24
N ALA B 112 -8.52 -22.15 -0.84
CA ALA B 112 -9.97 -22.13 -1.08
C ALA B 112 -10.54 -23.53 -1.12
N VAL B 113 -9.89 -24.44 -1.84
CA VAL B 113 -10.35 -25.83 -1.86
C VAL B 113 -10.40 -26.39 -0.43
N GLU B 114 -9.31 -26.22 0.32
CA GLU B 114 -9.22 -26.80 1.66
C GLU B 114 -10.32 -26.27 2.57
N LEU B 115 -10.67 -24.99 2.43
CA LEU B 115 -11.60 -24.30 3.31
C LEU B 115 -13.01 -24.24 2.73
N SER B 116 -13.28 -24.95 1.64
CA SER B 116 -14.61 -24.97 1.00
C SER B 116 -15.07 -23.58 0.60
N ALA B 117 -14.13 -22.71 0.24
CA ALA B 117 -14.55 -21.43 -0.30
C ALA B 117 -14.70 -21.55 -1.81
N PRO B 118 -15.79 -21.07 -2.39
CA PRO B 118 -16.00 -21.29 -3.82
C PRO B 118 -15.21 -20.35 -4.71
N MET B 119 -14.55 -19.35 -4.14
CA MET B 119 -14.11 -18.22 -4.93
C MET B 119 -12.90 -17.60 -4.27
N VAL B 120 -12.04 -17.03 -5.12
CA VAL B 120 -10.89 -16.23 -4.74
C VAL B 120 -10.99 -14.87 -5.39
N MET B 121 -10.56 -13.84 -4.68
CA MET B 121 -10.42 -12.50 -5.23
C MET B 121 -8.97 -12.08 -5.06
N LEU B 122 -8.31 -11.75 -6.17
CA LEU B 122 -6.95 -11.22 -6.12
C LEU B 122 -6.98 -9.73 -6.41
N VAL B 123 -6.24 -8.96 -5.62
CA VAL B 123 -5.84 -7.61 -5.97
C VAL B 123 -4.48 -7.77 -6.62
N PRO B 124 -4.35 -7.62 -7.94
CA PRO B 124 -3.15 -8.11 -8.63
C PRO B 124 -1.98 -7.14 -8.73
N GLY B 125 -1.93 -6.13 -7.87
CA GLY B 125 -0.75 -5.28 -7.85
C GLY B 125 -0.79 -4.37 -6.64
N PHE B 126 0.27 -3.59 -6.49
CA PHE B 126 0.43 -2.70 -5.35
C PHE B 126 0.61 -1.27 -5.82
N PRO B 127 -0.17 -0.30 -5.31
CA PRO B 127 -0.08 1.07 -5.85
C PRO B 127 1.28 1.74 -5.71
N ASP B 128 2.02 1.46 -4.65
CA ASP B 128 3.32 2.12 -4.54
C ASP B 128 4.30 1.60 -5.57
N LEU B 129 4.01 0.47 -6.21
CA LEU B 129 4.93 -0.13 -7.17
C LEU B 129 4.65 0.31 -8.61
N ILE B 130 3.75 1.26 -8.82
CA ILE B 130 3.48 1.82 -10.15
C ILE B 130 3.73 3.32 -10.01
N ALA B 131 4.88 3.77 -10.52
CA ALA B 131 5.39 5.10 -10.22
C ALA B 131 5.51 5.99 -11.44
N SER B 132 4.94 5.57 -12.56
CA SER B 132 4.99 6.35 -13.79
C SER B 132 3.91 5.83 -14.74
N GLU B 133 3.62 6.65 -15.75
CA GLU B 133 2.73 6.21 -16.81
C GLU B 133 3.27 4.95 -17.49
N LYS B 134 4.58 4.91 -17.74
CA LYS B 134 5.15 3.73 -18.39
C LYS B 134 4.99 2.50 -17.51
N ASP B 135 5.15 2.65 -16.19
CA ASP B 135 4.94 1.52 -15.30
C ASP B 135 3.53 0.97 -15.43
N LYS B 136 2.54 1.85 -15.52
CA LYS B 136 1.16 1.40 -15.64
C LYS B 136 0.95 0.65 -16.96
N GLN B 137 1.52 1.19 -18.04
CA GLN B 137 1.38 0.56 -19.35
C GLN B 137 2.03 -0.81 -19.37
N GLN B 138 3.18 -0.94 -18.72
CA GLN B 138 3.85 -2.24 -18.70
C GLN B 138 3.16 -3.21 -17.76
N ALA B 139 2.56 -2.71 -16.68
CA ALA B 139 1.93 -3.61 -15.71
C ALA B 139 0.76 -4.34 -16.33
N LEU B 140 0.01 -3.67 -17.21
CA LEU B 140 -1.21 -4.32 -17.72
C LEU B 140 -1.02 -5.67 -18.42
N PRO B 141 -0.19 -5.77 -19.47
CA PRO B 141 -0.01 -7.09 -20.10
C PRO B 141 0.62 -8.10 -19.17
N ARG B 142 1.44 -7.64 -18.22
CA ARG B 142 2.02 -8.56 -17.24
C ARG B 142 0.95 -9.18 -16.35
N ILE B 143 0.03 -8.34 -15.85
CA ILE B 143 -1.07 -8.83 -15.03
C ILE B 143 -1.96 -9.77 -15.84
N ILE B 144 -2.26 -9.39 -17.07
CA ILE B 144 -3.07 -10.26 -17.93
C ILE B 144 -2.39 -11.61 -18.14
N SER B 145 -1.10 -11.61 -18.46
CA SER B 145 -0.36 -12.86 -18.64
C SER B 145 -0.45 -13.74 -17.40
N ALA B 146 -0.25 -13.15 -16.22
CA ALA B 146 -0.33 -13.93 -15.00
C ALA B 146 -1.72 -14.52 -14.82
N LEU B 147 -2.75 -13.71 -15.02
CA LEU B 147 -4.11 -14.22 -14.84
C LEU B 147 -4.45 -15.31 -15.84
N GLN B 148 -3.88 -15.22 -17.06
CA GLN B 148 -4.10 -16.26 -18.05
C GLN B 148 -3.45 -17.56 -17.61
N LYS B 149 -2.41 -17.48 -16.77
CA LYS B 149 -1.81 -18.70 -16.24
C LYS B 149 -2.54 -19.22 -15.01
N ILE B 150 -3.09 -18.34 -14.17
CA ILE B 150 -3.69 -18.74 -12.90
C ILE B 150 -5.11 -19.24 -13.08
N THR B 151 -5.90 -18.56 -13.91
CA THR B 151 -7.31 -18.91 -14.03
C THR B 151 -7.52 -20.35 -14.46
N PRO B 152 -6.76 -20.92 -15.39
CA PRO B 152 -7.00 -22.32 -15.74
C PRO B 152 -6.79 -23.25 -14.57
N TYR B 153 -5.83 -22.92 -13.69
CA TYR B 153 -5.63 -23.73 -12.48
C TYR B 153 -6.85 -23.64 -11.57
N ALA B 154 -7.34 -22.41 -11.33
CA ALA B 154 -8.56 -22.24 -10.56
C ALA B 154 -9.69 -23.08 -11.15
N GLN B 155 -9.88 -23.01 -12.47
CA GLN B 155 -10.95 -23.78 -13.09
C GLN B 155 -10.76 -25.27 -12.88
N SER B 156 -9.52 -25.76 -12.98
CA SER B 156 -9.26 -27.18 -12.77
C SER B 156 -9.60 -27.60 -11.35
N LYS B 157 -9.51 -26.67 -10.39
CA LYS B 157 -9.84 -26.98 -9.01
C LYS B 157 -11.29 -26.67 -8.63
N GLY B 158 -12.10 -26.20 -9.59
CA GLY B 158 -13.49 -25.89 -9.28
C GLY B 158 -13.68 -24.60 -8.53
N ILE B 159 -12.72 -23.69 -8.61
CA ILE B 159 -12.72 -22.43 -7.89
C ILE B 159 -12.92 -21.30 -8.91
N VAL B 160 -13.77 -20.34 -8.56
CA VAL B 160 -13.99 -19.18 -9.42
C VAL B 160 -12.97 -18.12 -9.02
N LEU B 161 -12.19 -17.66 -9.97
CA LEU B 161 -11.18 -16.63 -9.73
C LEU B 161 -11.74 -15.28 -10.18
N THR B 162 -11.58 -14.29 -9.32
CA THR B 162 -11.95 -12.91 -9.63
C THR B 162 -10.79 -11.97 -9.32
N ILE B 163 -10.85 -10.81 -9.95
CA ILE B 163 -10.16 -9.64 -9.48
C ILE B 163 -11.18 -8.65 -8.95
N GLU B 164 -10.70 -7.60 -8.31
CA GLU B 164 -11.51 -6.50 -7.84
C GLU B 164 -11.10 -5.25 -8.60
N ASN B 165 -12.07 -4.44 -8.99
CA ASN B 165 -11.75 -3.08 -9.43
C ASN B 165 -11.24 -2.26 -8.25
N TYR B 166 -10.20 -1.48 -8.49
CA TYR B 166 -9.44 -0.86 -7.41
C TYR B 166 -9.68 0.66 -7.37
N SER B 167 -9.01 1.32 -6.41
CA SER B 167 -9.24 2.73 -6.13
C SER B 167 -8.05 3.64 -6.40
N ALA B 168 -6.86 3.08 -6.65
CA ALA B 168 -5.69 3.88 -6.94
C ALA B 168 -5.51 3.86 -8.45
N LEU B 169 -5.70 5.01 -9.10
CA LEU B 169 -5.91 5.04 -10.55
C LEU B 169 -4.66 4.72 -11.37
N GLN B 170 -3.47 4.72 -10.76
CA GLN B 170 -2.31 4.24 -11.50
C GLN B 170 -2.36 2.74 -11.74
N MET B 171 -3.24 2.02 -11.03
CA MET B 171 -3.41 0.60 -11.31
C MET B 171 -4.33 0.43 -12.51
N PRO B 172 -3.95 -0.36 -13.51
CA PRO B 172 -4.78 -0.49 -14.71
C PRO B 172 -5.94 -1.47 -14.56
N PHE B 173 -6.68 -1.32 -13.47
CA PHE B 173 -7.85 -2.12 -13.20
C PHE B 173 -8.81 -1.35 -12.29
N CYS B 174 -9.09 -0.09 -12.63
CA CYS B 174 -10.01 0.73 -11.86
C CYS B 174 -11.25 1.13 -12.65
N SER B 175 -11.09 1.62 -13.87
CA SER B 175 -12.25 2.06 -14.61
C SER B 175 -13.04 0.88 -15.16
N ILE B 176 -14.28 1.16 -15.57
CA ILE B 176 -15.05 0.11 -16.24
C ILE B 176 -14.25 -0.43 -17.41
N ALA B 177 -13.71 0.49 -18.23
CA ALA B 177 -13.00 0.04 -19.42
C ALA B 177 -11.78 -0.80 -19.07
N GLU B 178 -11.03 -0.41 -18.03
CA GLU B 178 -9.83 -1.19 -17.66
C GLU B 178 -10.19 -2.61 -17.24
N VAL B 179 -11.21 -2.74 -16.40
CA VAL B 179 -11.58 -4.06 -15.91
C VAL B 179 -12.15 -4.89 -17.04
N LEU B 180 -12.94 -4.27 -17.92
CA LEU B 180 -13.49 -5.00 -19.05
C LEU B 180 -12.38 -5.51 -19.96
N THR B 181 -11.36 -4.68 -20.21
CA THR B 181 -10.23 -5.08 -21.04
C THR B 181 -9.55 -6.33 -20.50
N ILE B 182 -9.36 -6.40 -19.18
CA ILE B 182 -8.75 -7.60 -18.59
C ILE B 182 -9.68 -8.79 -18.71
N LEU B 183 -10.94 -8.63 -18.29
CA LEU B 183 -11.88 -9.74 -18.29
C LEU B 183 -12.05 -10.33 -19.67
N GLU B 184 -12.05 -9.50 -20.70
CA GLU B 184 -12.22 -9.99 -22.06
C GLU B 184 -10.98 -10.67 -22.63
N GLN B 185 -9.86 -10.65 -21.92
CA GLN B 185 -8.64 -11.32 -22.35
C GLN B 185 -8.27 -12.53 -21.51
N VAL B 186 -8.99 -12.80 -20.44
CA VAL B 186 -8.66 -13.90 -19.53
C VAL B 186 -9.87 -14.83 -19.49
N PRO B 187 -9.84 -15.92 -20.25
CA PRO B 187 -10.98 -16.85 -20.27
C PRO B 187 -11.36 -17.32 -18.88
N GLY B 188 -12.66 -17.19 -18.57
CA GLY B 188 -13.17 -17.66 -17.30
C GLY B 188 -12.98 -16.73 -16.11
N LEU B 189 -12.22 -15.65 -16.27
CA LEU B 189 -12.06 -14.74 -15.14
C LEU B 189 -13.37 -14.03 -14.84
N ARG B 190 -13.64 -13.80 -13.55
CA ARG B 190 -14.83 -13.08 -13.13
C ARG B 190 -14.43 -11.90 -12.27
N LEU B 191 -15.44 -11.16 -11.83
CA LEU B 191 -15.22 -9.88 -11.19
C LEU B 191 -15.91 -9.84 -9.84
N THR B 192 -15.18 -9.34 -8.83
CA THR B 192 -15.77 -8.84 -7.59
C THR B 192 -15.92 -7.34 -7.80
N LEU B 193 -17.15 -6.87 -7.93
CA LEU B 193 -17.39 -5.44 -8.11
C LEU B 193 -17.33 -4.75 -6.76
N ASP B 194 -16.32 -3.91 -6.55
CA ASP B 194 -16.32 -3.02 -5.40
C ASP B 194 -17.06 -1.75 -5.82
N TYR B 195 -18.30 -1.66 -5.37
CA TYR B 195 -19.22 -0.62 -5.84
C TYR B 195 -18.68 0.77 -5.51
N GLY B 196 -18.17 0.93 -4.29
CA GLY B 196 -17.62 2.20 -3.87
C GLY B 196 -16.36 2.61 -4.60
N ASN B 197 -15.50 1.64 -4.95
CA ASN B 197 -14.28 1.98 -5.68
C ASN B 197 -14.59 2.62 -7.01
N MET B 198 -15.70 2.22 -7.66
CA MET B 198 -16.07 2.83 -8.93
C MET B 198 -16.28 4.33 -8.79
N LEU B 199 -16.88 4.78 -7.68
CA LEU B 199 -17.01 6.21 -7.46
C LEU B 199 -15.65 6.91 -7.47
N VAL B 200 -14.65 6.31 -6.81
CA VAL B 200 -13.32 6.91 -6.79
C VAL B 200 -12.78 7.05 -8.20
N ALA B 201 -13.02 6.03 -9.04
CA ALA B 201 -12.56 6.02 -10.41
C ALA B 201 -13.33 6.97 -11.31
N GLY B 202 -14.31 7.71 -10.78
CA GLY B 202 -15.08 8.61 -11.60
C GLY B 202 -16.19 7.97 -12.38
N GLU B 203 -16.54 6.72 -12.08
CA GLU B 203 -17.61 6.03 -12.75
C GLU B 203 -18.89 6.14 -11.94
N ASP B 204 -20.01 5.93 -12.61
CA ASP B 204 -21.26 5.75 -11.88
C ASP B 204 -21.35 4.30 -11.43
N PRO B 205 -21.45 4.04 -10.12
CA PRO B 205 -21.45 2.64 -9.65
C PRO B 205 -22.52 1.77 -10.29
N LEU B 206 -23.74 2.29 -10.45
CA LEU B 206 -24.79 1.49 -11.05
C LEU B 206 -24.48 1.17 -12.51
N GLU B 207 -23.96 2.16 -13.25
CA GLU B 207 -23.57 1.92 -14.63
C GLU B 207 -22.47 0.87 -14.73
N ALA B 208 -21.54 0.87 -13.77
CA ALA B 208 -20.52 -0.18 -13.74
C ALA B 208 -21.15 -1.55 -13.56
N TYR B 209 -22.10 -1.69 -12.63
CA TYR B 209 -22.77 -2.96 -12.49
C TYR B 209 -23.47 -3.35 -13.79
N GLU B 210 -24.20 -2.42 -14.39
CA GLU B 210 -24.92 -2.74 -15.62
C GLU B 210 -24.00 -3.19 -16.74
N LYS B 211 -22.88 -2.48 -16.94
CA LYS B 211 -21.96 -2.80 -18.03
C LYS B 211 -21.16 -4.07 -17.76
N LEU B 212 -20.94 -4.43 -16.51
CA LEU B 212 -20.09 -5.59 -16.18
C LEU B 212 -20.89 -6.76 -15.65
N ARG B 213 -22.23 -6.69 -15.72
CA ARG B 213 -23.10 -7.65 -15.03
C ARG B 213 -22.74 -9.11 -15.30
N LYS B 214 -22.46 -9.45 -16.55
CA LYS B 214 -22.23 -10.86 -16.88
C LYS B 214 -20.98 -11.41 -16.21
N TYR B 215 -20.08 -10.55 -15.73
CA TYR B 215 -18.87 -11.00 -15.07
C TYR B 215 -18.95 -10.97 -13.56
N ILE B 216 -19.96 -10.31 -13.00
CA ILE B 216 -19.97 -10.02 -11.57
C ILE B 216 -20.52 -11.20 -10.78
N VAL B 217 -19.68 -11.78 -9.94
CA VAL B 217 -20.04 -12.94 -9.14
C VAL B 217 -19.95 -12.67 -7.65
N ASN B 218 -19.51 -11.49 -7.27
CA ASN B 218 -19.24 -11.11 -5.89
C ASN B 218 -19.28 -9.60 -5.89
N ALA B 219 -19.59 -9.01 -4.74
CA ALA B 219 -19.66 -7.56 -4.65
C ALA B 219 -19.21 -7.11 -3.27
N HIS B 220 -18.49 -6.00 -3.24
CA HIS B 220 -18.12 -5.34 -2.00
C HIS B 220 -18.95 -4.07 -1.85
N LEU B 221 -19.55 -3.88 -0.69
CA LEU B 221 -20.37 -2.71 -0.42
C LEU B 221 -19.63 -1.82 0.58
N LYS B 222 -19.29 -0.62 0.14
CA LYS B 222 -18.77 0.37 1.07
C LYS B 222 -19.23 1.73 0.61
N ASP B 223 -19.19 2.69 1.51
CA ASP B 223 -19.75 4.00 1.27
C ASP B 223 -18.72 5.08 1.54
N TRP B 224 -18.95 6.26 0.96
CA TRP B 224 -18.03 7.38 1.06
C TRP B 224 -18.83 8.64 1.34
N LYS B 225 -18.24 9.56 2.10
CA LYS B 225 -18.78 10.90 2.25
C LYS B 225 -17.74 11.92 1.78
N VAL B 226 -18.22 13.08 1.32
CA VAL B 226 -17.34 14.10 0.76
C VAL B 226 -16.72 14.93 1.87
N THR B 227 -15.43 15.28 1.71
CA THR B 227 -14.69 16.09 2.65
C THR B 227 -14.05 17.30 1.98
N SER B 228 -13.44 18.15 2.82
CA SER B 228 -12.84 19.41 2.38
C SER B 228 -11.34 19.34 2.18
N GLY B 229 -10.65 18.45 2.91
CA GLY B 229 -9.22 18.34 2.85
C GLY B 229 -8.75 16.99 2.32
N GLN B 230 -7.43 16.86 2.22
CA GLN B 230 -6.83 15.69 1.61
C GLN B 230 -7.04 14.45 2.46
N THR B 231 -7.25 13.30 1.78
CA THR B 231 -7.53 12.04 2.44
C THR B 231 -6.72 10.86 1.91
N GLY B 232 -5.91 11.05 0.89
CA GLY B 232 -5.35 9.89 0.21
C GLY B 232 -6.35 9.10 -0.60
N THR B 233 -7.58 9.60 -0.67
CA THR B 233 -8.58 9.04 -1.63
C THR B 233 -9.29 10.21 -2.30
N ARG B 234 -8.85 10.61 -3.49
CA ARG B 234 -9.59 11.70 -4.17
C ARG B 234 -10.12 11.08 -5.44
N CYS B 235 -11.40 11.28 -5.71
CA CYS B 235 -11.81 10.62 -6.95
C CYS B 235 -11.48 11.54 -8.09
N ALA B 236 -11.44 10.93 -9.27
CA ALA B 236 -11.17 11.59 -10.56
C ALA B 236 -11.87 12.97 -10.67
N ASP B 237 -13.14 13.14 -10.25
CA ASP B 237 -13.88 14.44 -10.31
C ASP B 237 -13.41 15.50 -9.31
N GLY B 238 -12.45 15.24 -8.44
CA GLY B 238 -11.92 16.25 -7.50
C GLY B 238 -12.51 16.21 -6.09
N ARG B 239 -13.65 15.55 -5.89
CA ARG B 239 -14.23 15.48 -4.54
C ARG B 239 -13.32 14.68 -3.61
N HIS B 240 -13.10 15.21 -2.42
CA HIS B 240 -12.29 14.56 -1.37
C HIS B 240 -13.15 13.48 -0.73
N LEU B 241 -12.65 12.26 -0.53
CA LEU B 241 -13.54 11.20 0.02
C LEU B 241 -13.00 10.56 1.29
N GLU B 242 -13.93 10.35 2.21
CA GLU B 242 -13.73 9.74 3.52
C GLU B 242 -14.62 8.50 3.64
N PRO B 243 -14.13 7.40 4.21
CA PRO B 243 -15.03 6.27 4.46
C PRO B 243 -16.22 6.68 5.30
N SER B 244 -17.39 6.16 4.94
CA SER B 244 -18.62 6.49 5.63
C SER B 244 -19.30 5.22 6.11
N LEU B 245 -20.01 5.31 7.24
CA LEU B 245 -20.97 4.25 7.57
C LEU B 245 -21.98 4.12 6.45
N HIS B 246 -22.37 2.88 6.15
CA HIS B 246 -23.24 2.62 5.01
C HIS B 246 -24.58 3.31 5.20
N GLY B 247 -24.95 4.11 4.21
CA GLY B 247 -26.17 4.90 4.22
C GLY B 247 -25.96 6.33 4.63
N GLN B 248 -24.80 6.66 5.17
CA GLN B 248 -24.54 8.03 5.58
C GLN B 248 -23.75 8.78 4.54
N GLY B 249 -23.35 8.12 3.46
CA GLY B 249 -22.57 8.76 2.43
C GLY B 249 -23.37 8.90 1.15
N VAL B 250 -22.69 8.81 0.00
CA VAL B 250 -23.29 9.17 -1.27
C VAL B 250 -23.63 7.97 -2.14
N ILE B 251 -23.30 6.75 -1.73
CA ILE B 251 -23.51 5.59 -2.58
C ILE B 251 -24.96 5.13 -2.45
N ASN B 252 -25.61 4.88 -3.57
CA ASN B 252 -27.02 4.50 -3.59
C ASN B 252 -27.13 2.98 -3.62
N PHE B 253 -27.25 2.37 -2.44
CA PHE B 253 -27.32 0.91 -2.38
C PHE B 253 -28.66 0.37 -2.85
N LYS B 254 -29.75 1.10 -2.64
CA LYS B 254 -31.06 0.59 -3.02
C LYS B 254 -31.17 0.36 -4.52
N SER B 255 -30.68 1.31 -5.32
CA SER B 255 -30.72 1.14 -6.77
C SER B 255 -29.92 -0.07 -7.23
N LEU B 256 -28.75 -0.28 -6.62
CA LEU B 256 -27.97 -1.47 -6.93
C LEU B 256 -28.75 -2.73 -6.58
N PHE B 257 -29.32 -2.78 -5.37
CA PHE B 257 -30.06 -3.98 -4.96
C PHE B 257 -31.24 -4.23 -5.88
N ALA B 258 -31.96 -3.19 -6.26
CA ALA B 258 -33.10 -3.35 -7.17
C ALA B 258 -32.65 -3.96 -8.48
N GLU B 259 -31.56 -3.44 -9.05
CA GLU B 259 -31.07 -4.02 -10.30
C GLU B 259 -30.60 -5.46 -10.11
N MET B 260 -29.97 -5.76 -8.97
CA MET B 260 -29.46 -7.10 -8.75
C MET B 260 -30.59 -8.11 -8.61
N VAL B 261 -31.63 -7.76 -7.88
CA VAL B 261 -32.81 -8.63 -7.78
C VAL B 261 -33.47 -8.77 -9.14
N SER B 262 -33.63 -7.64 -9.85
CA SER B 262 -34.18 -7.66 -11.20
C SER B 262 -33.46 -8.66 -12.10
N ASN B 263 -32.14 -8.79 -11.91
CA ASN B 263 -31.30 -9.64 -12.74
C ASN B 263 -30.98 -10.98 -12.09
N ASN B 264 -31.58 -11.29 -10.94
CA ASN B 264 -31.40 -12.59 -10.29
C ASN B 264 -29.93 -12.86 -9.95
N TYR B 265 -29.25 -11.84 -9.43
CA TYR B 265 -27.89 -12.03 -8.94
C TYR B 265 -27.87 -13.07 -7.83
N LYS B 266 -26.94 -14.03 -7.91
CA LYS B 266 -26.91 -15.13 -6.95
C LYS B 266 -25.66 -15.13 -6.08
N GLY B 267 -24.81 -14.12 -6.18
CA GLY B 267 -23.62 -14.03 -5.36
C GLY B 267 -23.86 -13.40 -4.00
N TYR B 268 -22.78 -13.17 -3.28
CA TYR B 268 -22.86 -12.53 -1.99
C TYR B 268 -22.68 -11.01 -2.10
N LEU B 269 -23.18 -10.33 -1.08
CA LEU B 269 -22.99 -8.90 -0.88
C LEU B 269 -22.07 -8.76 0.32
N SER B 270 -20.84 -8.30 0.11
CA SER B 270 -19.85 -8.35 1.19
C SER B 270 -19.71 -6.98 1.84
N PHE B 271 -19.77 -6.97 3.17
CA PHE B 271 -19.68 -5.74 3.92
C PHE B 271 -18.23 -5.30 4.10
N GLU B 272 -17.92 -4.12 3.55
CA GLU B 272 -16.59 -3.52 3.65
C GLU B 272 -16.70 -2.19 4.38
N TYR B 273 -15.84 -1.99 5.37
CA TYR B 273 -15.76 -0.69 6.05
C TYR B 273 -14.29 -0.42 6.31
N GLU B 274 -13.81 0.76 5.87
CA GLU B 274 -12.42 1.14 5.97
C GLU B 274 -12.23 2.35 6.89
N GLY B 275 -13.25 2.73 7.64
CA GLY B 275 -13.22 3.94 8.44
C GLY B 275 -12.68 3.71 9.82
N ASP B 276 -12.82 4.76 10.66
CA ASP B 276 -12.23 4.78 11.99
C ASP B 276 -13.26 4.58 13.11
N ILE B 277 -14.55 4.46 12.78
CA ILE B 277 -15.52 4.05 13.79
C ILE B 277 -15.19 2.64 14.26
N ASN B 278 -15.41 2.37 15.54
CA ASN B 278 -15.19 1.02 16.07
C ASN B 278 -15.79 -0.01 15.14
N ALA B 279 -14.99 -1.04 14.80
CA ALA B 279 -15.37 -1.91 13.69
C ALA B 279 -16.65 -2.69 13.95
N LYS B 280 -16.89 -3.11 15.21
CA LYS B 280 -18.12 -3.82 15.51
C LYS B 280 -19.32 -2.88 15.39
N GLU B 281 -19.18 -1.67 15.93
CA GLU B 281 -20.24 -0.68 15.79
C GLU B 281 -20.52 -0.37 14.33
N ALA B 282 -19.47 -0.26 13.52
CA ALA B 282 -19.68 0.08 12.12
C ALA B 282 -20.45 -1.02 11.42
N VAL B 283 -20.13 -2.26 11.74
CA VAL B 283 -20.89 -3.36 11.13
C VAL B 283 -22.35 -3.29 11.55
N ARG B 284 -22.61 -3.13 12.84
CA ARG B 284 -24.01 -3.11 13.31
C ARG B 284 -24.80 -1.97 12.68
N LEU B 285 -24.21 -0.77 12.65
CA LEU B 285 -24.89 0.39 12.09
C LEU B 285 -25.11 0.25 10.58
N GLY B 286 -24.04 -0.09 9.86
CA GLY B 286 -24.15 -0.18 8.42
C GLY B 286 -25.07 -1.31 7.96
N MET B 287 -25.03 -2.44 8.65
CA MET B 287 -25.93 -3.53 8.29
C MET B 287 -27.39 -3.17 8.56
N MET B 288 -27.68 -2.40 9.62
CA MET B 288 -29.06 -1.91 9.76
C MET B 288 -29.53 -1.22 8.50
N HIS B 289 -28.71 -0.30 7.98
CA HIS B 289 -29.08 0.39 6.74
C HIS B 289 -29.22 -0.57 5.56
N LEU B 290 -28.23 -1.43 5.34
CA LEU B 290 -28.24 -2.26 4.13
C LEU B 290 -29.41 -3.22 4.15
N ARG B 291 -29.71 -3.80 5.32
CA ARG B 291 -30.84 -4.71 5.42
C ARG B 291 -32.16 -3.99 5.19
N GLU B 292 -32.28 -2.76 5.70
CA GLU B 292 -33.50 -1.97 5.44
C GLU B 292 -33.69 -1.73 3.94
N GLN B 293 -32.62 -1.36 3.25
CA GLN B 293 -32.74 -1.08 1.81
C GLN B 293 -33.10 -2.34 1.03
N LEU B 294 -32.45 -3.46 1.36
CA LEU B 294 -32.76 -4.71 0.68
C LEU B 294 -34.20 -5.12 0.93
N ASN B 295 -34.68 -4.96 2.17
CA ASN B 295 -36.06 -5.29 2.50
C ASN B 295 -37.04 -4.41 1.73
N GLU B 296 -36.70 -3.14 1.53
CA GLU B 296 -37.55 -2.29 0.68
C GLU B 296 -37.61 -2.81 -0.74
N VAL B 297 -36.51 -3.34 -1.25
CA VAL B 297 -36.56 -3.93 -2.60
C VAL B 297 -37.30 -5.26 -2.61
N ILE B 298 -37.18 -6.07 -1.55
CA ILE B 298 -37.84 -7.37 -1.47
C ILE B 298 -39.15 -7.29 -0.68
MN MN C . 10.06 8.73 3.54
S SO4 D . 7.99 25.06 -15.40
O1 SO4 D . 9.03 24.10 -15.02
O2 SO4 D . 7.13 25.34 -14.25
O3 SO4 D . 8.63 26.29 -15.86
O4 SO4 D . 7.18 24.50 -16.47
S SO4 E . 10.93 7.22 -17.75
O1 SO4 E . 11.81 7.84 -18.75
O2 SO4 E . 11.61 6.04 -17.22
O3 SO4 E . 10.63 8.16 -16.67
O4 SO4 E . 9.67 6.83 -18.38
MN MN F . -13.13 -3.99 -1.81
S SO4 G . -19.32 -6.28 22.11
O1 SO4 G . -19.48 -7.46 21.25
O2 SO4 G . -17.91 -6.18 22.50
O3 SO4 G . -19.72 -5.07 21.40
O4 SO4 G . -20.16 -6.43 23.30
#